data_1VMF
#
_entry.id   1VMF
#
_cell.length_a   57.601
_cell.length_b   58.951
_cell.length_c   134.964
_cell.angle_alpha   90.00
_cell.angle_beta   90.00
_cell.angle_gamma   90.00
#
_symmetry.space_group_name_H-M   'P 21 21 21'
#
loop_
_entity.id
_entity.type
_entity.pdbx_description
1 polymer 'hypothetical protein'
2 non-polymer 'SODIUM ION'
3 non-polymer 'ACETATE ION'
4 non-polymer 1,2-ETHANEDIOL
5 non-polymer '4-(2-HYDROXYETHYL)-1-PIPERAZINE ETHANESULFONIC ACID'
6 water water
#
_entity_poly.entity_id   1
_entity_poly.type   'polypeptide(L)'
_entity_poly.pdbx_seq_one_letter_code
;MGSDKIHHHHHHMKTFHLTTQSRDEMVDITSQIETWIRETGVTNGVAIVSSLHTTAGITVNENADPDVKRDMIMRLDEVY
PWHHENDRHMEGNTAAHLKTSTVGHAQTLIISEGRLVLGTWQGVYFCEFDGPRTNRKFVVKLLTD
;
_entity_poly.pdbx_strand_id   A,B,C
#
loop_
_chem_comp.id
_chem_comp.type
_chem_comp.name
_chem_comp.formula
ACT non-polymer 'ACETATE ION' 'C2 H3 O2 -1'
EDO non-polymer 1,2-ETHANEDIOL 'C2 H6 O2'
EPE non-polymer '4-(2-HYDROXYETHYL)-1-PIPERAZINE ETHANESULFONIC ACID' 'C8 H18 N2 O4 S'
NA non-polymer 'SODIUM ION' 'Na 1'
#
# COMPACT_ATOMS: atom_id res chain seq x y z
N HIS A 10 5.77 -27.42 -2.98
CA HIS A 10 6.43 -26.36 -3.81
C HIS A 10 6.28 -24.96 -3.17
N HIS A 11 7.22 -24.08 -3.45
CA HIS A 11 7.25 -22.73 -2.83
C HIS A 11 6.18 -21.79 -3.39
N HIS A 12 5.60 -22.16 -4.53
CA HIS A 12 4.58 -21.37 -5.19
C HIS A 12 5.01 -19.96 -5.48
N MET A 13 6.29 -19.78 -5.75
CA MET A 13 6.82 -18.48 -6.11
C MET A 13 7.32 -18.50 -7.55
N LYS A 14 6.89 -17.52 -8.33
CA LYS A 14 7.36 -17.36 -9.71
C LYS A 14 7.71 -15.92 -9.97
N THR A 15 8.80 -15.71 -10.70
CA THR A 15 9.24 -14.39 -11.09
C THR A 15 8.98 -14.22 -12.58
N PHE A 16 8.51 -13.02 -12.94
CA PHE A 16 8.18 -12.66 -14.31
C PHE A 16 9.02 -11.50 -14.76
N HIS A 17 9.35 -11.50 -16.06
CA HIS A 17 10.14 -10.51 -16.75
C HIS A 17 9.27 -9.65 -17.66
N LEU A 18 9.52 -8.35 -17.65
CA LEU A 18 8.92 -7.38 -18.56
C LEU A 18 9.99 -6.50 -19.17
N THR A 19 9.78 -6.12 -20.42
CA THR A 19 10.53 -5.05 -21.05
C THR A 19 9.57 -3.89 -21.21
N THR A 20 9.98 -2.72 -20.75
CA THR A 20 9.11 -1.56 -20.87
C THR A 20 9.62 -0.64 -21.98
N GLN A 21 8.71 0.11 -22.58
CA GLN A 21 9.03 0.86 -23.81
C GLN A 21 8.98 2.37 -23.68
N SER A 22 8.59 2.89 -22.53
CA SER A 22 8.55 4.34 -22.32
C SER A 22 8.81 4.66 -20.86
N ARG A 23 9.01 5.93 -20.55
CA ARG A 23 9.29 6.31 -19.16
C ARG A 23 8.22 5.79 -18.21
N ASP A 24 6.96 6.09 -18.57
CA ASP A 24 5.78 5.73 -17.78
C ASP A 24 5.00 4.69 -18.56
N GLU A 25 4.65 3.61 -17.90
CA GLU A 25 3.89 2.55 -18.53
C GLU A 25 3.17 1.76 -17.47
N MET A 26 1.88 1.56 -17.65
CA MET A 26 1.12 0.66 -16.76
C MET A 26 0.72 -0.57 -17.55
N VAL A 27 1.29 -1.70 -17.18
CA VAL A 27 1.18 -2.96 -17.90
C VAL A 27 0.28 -3.90 -17.08
N ASP A 28 -0.79 -4.37 -17.70
CA ASP A 28 -1.71 -5.27 -17.03
C ASP A 28 -1.05 -6.63 -16.91
N ILE A 29 -0.87 -7.05 -15.66
CA ILE A 29 -0.20 -8.33 -15.34
C ILE A 29 -1.15 -9.34 -14.69
N THR A 30 -2.46 -9.07 -14.72
CA THR A 30 -3.46 -9.95 -14.15
C THR A 30 -3.33 -11.37 -14.72
N SER A 31 -3.14 -11.48 -16.04
CA SER A 31 -3.07 -12.81 -16.65
C SER A 31 -1.87 -13.63 -16.19
N GLN A 32 -0.70 -13.02 -16.02
CA GLN A 32 0.48 -13.74 -15.49
C GLN A 32 0.16 -14.34 -14.13
N ILE A 33 -0.48 -13.54 -13.28
CA ILE A 33 -0.76 -13.97 -11.94
C ILE A 33 -1.77 -15.11 -11.95
N GLU A 34 -2.85 -14.94 -12.71
CA GLU A 34 -3.90 -15.97 -12.77
C GLU A 34 -3.40 -17.27 -13.37
N THR A 35 -2.58 -17.16 -14.39
CA THR A 35 -1.99 -18.33 -15.04
C THR A 35 -1.11 -19.10 -14.03
N TRP A 36 -0.33 -18.40 -13.23
CA TRP A 36 0.49 -19.06 -12.20
C TRP A 36 -0.39 -19.70 -11.14
N ILE A 37 -1.43 -19.03 -10.69
CA ILE A 37 -2.35 -19.66 -9.74
C ILE A 37 -2.88 -20.98 -10.31
N ARG A 38 -3.32 -20.97 -11.55
CA ARG A 38 -3.86 -22.18 -12.17
C ARG A 38 -2.81 -23.28 -12.23
N GLU A 39 -1.60 -22.92 -12.61
CA GLU A 39 -0.52 -23.89 -12.72
C GLU A 39 -0.19 -24.55 -11.38
N THR A 40 -0.23 -23.77 -10.29
CA THR A 40 0.11 -24.30 -8.98
C THR A 40 -0.99 -25.14 -8.39
N GLY A 41 -2.21 -24.98 -8.89
CA GLY A 41 -3.37 -25.67 -8.33
C GLY A 41 -3.88 -25.07 -7.01
N VAL A 42 -3.33 -23.95 -6.57
CA VAL A 42 -3.80 -23.32 -5.34
C VAL A 42 -5.24 -22.86 -5.58
N THR A 43 -6.14 -23.18 -4.65
CA THR A 43 -7.57 -22.82 -4.79
C THR A 43 -7.99 -21.63 -3.92
N ASN A 44 -7.47 -21.57 -2.70
CA ASN A 44 -7.83 -20.53 -1.75
C ASN A 44 -6.57 -20.11 -0.99
N GLY A 45 -6.42 -18.80 -0.78
CA GLY A 45 -5.30 -18.24 -0.08
C GLY A 45 -5.11 -16.81 -0.52
N VAL A 46 -3.84 -16.44 -0.68
CA VAL A 46 -3.48 -15.09 -1.07
C VAL A 46 -2.31 -15.11 -2.03
N ALA A 47 -2.22 -14.07 -2.84
CA ALA A 47 -1.12 -13.85 -3.77
C ALA A 47 -0.46 -12.53 -3.42
N ILE A 48 0.84 -12.57 -3.20
CA ILE A 48 1.63 -11.35 -3.01
C ILE A 48 2.35 -11.08 -4.32
N VAL A 49 2.13 -9.89 -4.89
CA VAL A 49 2.72 -9.50 -6.14
C VAL A 49 3.66 -8.34 -5.86
N SER A 50 4.97 -8.55 -6.10
CA SER A 50 5.97 -7.61 -5.61
C SER A 50 6.95 -7.22 -6.72
N SER A 51 7.12 -5.92 -6.94
CA SER A 51 8.15 -5.40 -7.81
C SER A 51 9.51 -5.53 -7.14
N LEU A 52 10.54 -5.85 -7.93
CA LEU A 52 11.89 -5.91 -7.40
C LEU A 52 12.63 -4.58 -7.55
N HIS A 53 11.89 -3.51 -7.83
CA HIS A 53 12.47 -2.22 -8.17
C HIS A 53 11.98 -1.10 -7.30
N THR A 54 12.85 -0.11 -7.15
CA THR A 54 12.56 1.10 -6.41
C THR A 54 11.95 2.19 -7.28
N THR A 55 11.89 1.93 -8.58
CA THR A 55 11.36 2.87 -9.56
C THR A 55 10.26 2.29 -10.43
N ALA A 56 9.73 1.10 -10.07
CA ALA A 56 8.49 0.58 -10.65
C ALA A 56 7.68 -0.05 -9.54
N GLY A 57 6.38 0.17 -9.52
CA GLY A 57 5.51 -0.40 -8.52
C GLY A 57 4.40 -1.28 -9.03
N ILE A 58 3.45 -1.61 -8.14
CA ILE A 58 2.32 -2.48 -8.41
C ILE A 58 1.09 -1.80 -7.85
N THR A 59 0.02 -1.76 -8.64
CA THR A 59 -1.24 -1.19 -8.20
C THR A 59 -2.40 -1.99 -8.79
N VAL A 60 -3.58 -1.78 -8.23
CA VAL A 60 -4.80 -2.36 -8.78
C VAL A 60 -5.64 -1.18 -9.19
N ASN A 61 -6.11 -1.18 -10.43
CA ASN A 61 -7.01 -0.11 -10.82
C ASN A 61 -7.83 -0.55 -12.03
N GLU A 62 -8.51 0.39 -12.65
CA GLU A 62 -9.51 0.13 -13.69
C GLU A 62 -8.86 -0.60 -14.87
N ASN A 63 -9.48 -1.70 -15.29
CA ASN A 63 -8.87 -2.64 -16.22
C ASN A 63 -9.50 -2.66 -17.62
N ALA A 64 -10.24 -1.62 -18.00
CA ALA A 64 -10.96 -1.63 -19.28
C ALA A 64 -10.71 -0.39 -20.14
N ASP A 65 -10.75 0.79 -19.54
CA ASP A 65 -10.59 2.03 -20.31
C ASP A 65 -9.13 2.49 -20.23
N PRO A 66 -8.39 2.44 -21.34
CA PRO A 66 -6.98 2.83 -21.28
C PRO A 66 -6.77 4.27 -20.85
N ASP A 67 -7.79 5.11 -20.98
CA ASP A 67 -7.68 6.49 -20.53
C ASP A 67 -7.56 6.64 -19.02
N VAL A 68 -7.97 5.63 -18.24
CA VAL A 68 -7.73 5.70 -16.79
C VAL A 68 -6.22 5.65 -16.55
N LYS A 69 -5.51 4.73 -17.19
CA LYS A 69 -4.07 4.60 -16.99
C LYS A 69 -3.35 5.83 -17.51
N ARG A 70 -3.78 6.35 -18.66
CA ARG A 70 -3.20 7.55 -19.21
C ARG A 70 -3.34 8.69 -18.21
N ASP A 71 -4.51 8.82 -17.62
CA ASP A 71 -4.77 9.93 -16.71
C ASP A 71 -3.98 9.72 -15.42
N MET A 72 -3.86 8.48 -14.95
CA MET A 72 -3.08 8.23 -13.74
C MET A 72 -1.64 8.68 -13.93
N ILE A 73 -1.07 8.32 -15.07
CA ILE A 73 0.29 8.68 -15.38
C ILE A 73 0.40 10.20 -15.47
N MET A 74 -0.56 10.85 -16.09
CA MET A 74 -0.54 12.30 -16.24
C MET A 74 -0.61 12.99 -14.89
N ARG A 75 -1.54 12.58 -14.05
CA ARG A 75 -1.67 13.22 -12.73
C ARG A 75 -0.43 12.99 -11.88
N LEU A 76 0.11 11.78 -11.89
CA LEU A 76 1.30 11.50 -11.10
C LEU A 76 2.48 12.35 -11.58
N ASP A 77 2.53 12.62 -12.86
CA ASP A 77 3.59 13.46 -13.43
C ASP A 77 3.48 14.90 -12.95
N GLU A 78 2.27 15.36 -12.67
CA GLU A 78 2.08 16.69 -12.10
C GLU A 78 2.34 16.74 -10.60
N VAL A 79 1.94 15.69 -9.88
CA VAL A 79 2.21 15.64 -8.44
C VAL A 79 3.70 15.56 -8.15
N TYR A 80 4.40 14.73 -8.94
CA TYR A 80 5.83 14.54 -8.82
C TYR A 80 6.49 14.87 -10.16
N PRO A 81 6.72 16.17 -10.43
CA PRO A 81 7.38 16.53 -11.68
C PRO A 81 8.76 15.88 -11.79
N TRP A 82 9.18 15.61 -13.03
CA TRP A 82 10.45 14.94 -13.23
C TRP A 82 11.62 15.79 -12.79
N HIS A 83 11.68 17.00 -13.31
CA HIS A 83 12.72 17.91 -12.91
C HIS A 83 12.24 18.73 -11.71
N HIS A 84 13.08 18.81 -10.69
CA HIS A 84 12.79 19.60 -9.50
C HIS A 84 14.06 20.23 -8.99
N GLU A 85 14.00 21.55 -8.80
CA GLU A 85 15.16 22.34 -8.42
C GLU A 85 15.76 21.95 -7.08
N ASN A 86 14.96 21.36 -6.20
CA ASN A 86 15.43 20.98 -4.87
C ASN A 86 15.98 19.54 -4.80
N ASP A 87 15.87 18.76 -5.86
CA ASP A 87 16.35 17.37 -5.85
C ASP A 87 17.86 17.34 -5.70
N ARG A 88 18.35 16.40 -4.89
CA ARG A 88 19.77 16.13 -4.73
C ARG A 88 20.20 14.86 -5.46
N HIS A 89 19.26 13.96 -5.78
CA HIS A 89 19.60 12.65 -6.34
C HIS A 89 19.99 12.86 -7.78
N MET A 90 21.30 12.79 -8.05
CA MET A 90 21.81 13.26 -9.32
C MET A 90 21.49 12.36 -10.50
N GLU A 91 21.08 11.12 -10.23
CA GLU A 91 20.65 10.22 -11.30
C GLU A 91 19.43 10.78 -12.04
N GLY A 92 18.62 11.61 -11.37
CA GLY A 92 17.59 12.38 -12.03
C GLY A 92 16.20 11.76 -12.01
N ASN A 93 16.07 10.59 -11.38
CA ASN A 93 14.80 9.85 -11.40
C ASN A 93 14.11 9.81 -10.05
N THR A 94 14.39 10.79 -9.20
CA THR A 94 13.63 10.95 -7.97
C THR A 94 12.13 10.77 -8.11
N ALA A 95 11.52 11.41 -9.11
CA ALA A 95 10.08 11.31 -9.30
C ALA A 95 9.65 9.84 -9.38
N ALA A 96 10.44 8.98 -10.03
CA ALA A 96 10.06 7.58 -10.14
C ALA A 96 10.05 6.88 -8.80
N HIS A 97 10.97 7.24 -7.92
CA HIS A 97 11.02 6.71 -6.56
C HIS A 97 9.78 7.13 -5.77
N LEU A 98 9.36 8.38 -5.87
CA LEU A 98 8.15 8.85 -5.19
C LEU A 98 6.92 8.13 -5.70
N LYS A 99 6.81 8.00 -7.02
CA LYS A 99 5.64 7.33 -7.60
C LYS A 99 5.54 5.88 -7.13
N THR A 100 6.69 5.22 -7.04
CA THR A 100 6.71 3.84 -6.64
C THR A 100 6.28 3.68 -5.21
N SER A 101 6.78 4.52 -4.31
CA SER A 101 6.34 4.43 -2.91
C SER A 101 4.89 4.86 -2.74
N THR A 102 4.39 5.69 -3.64
CA THR A 102 3.03 6.19 -3.59
C THR A 102 2.01 5.12 -3.99
N VAL A 103 2.21 4.43 -5.10
CA VAL A 103 1.34 3.31 -5.44
C VAL A 103 1.66 2.04 -4.68
N GLY A 104 2.90 1.88 -4.25
CA GLY A 104 3.38 0.69 -3.53
C GLY A 104 4.24 -0.17 -4.43
N HIS A 105 5.20 -0.84 -3.80
CA HIS A 105 6.06 -1.79 -4.52
C HIS A 105 5.36 -3.17 -4.64
N ALA A 106 4.33 -3.40 -3.83
CA ALA A 106 3.69 -4.71 -3.78
C ALA A 106 2.20 -4.60 -3.47
N GLN A 107 1.43 -5.57 -3.92
CA GLN A 107 0.00 -5.66 -3.60
C GLN A 107 -0.31 -7.09 -3.16
N THR A 108 -1.26 -7.23 -2.24
CA THR A 108 -1.71 -8.51 -1.74
C THR A 108 -3.12 -8.75 -2.21
N LEU A 109 -3.33 -9.86 -2.91
CA LEU A 109 -4.58 -10.19 -3.52
C LEU A 109 -5.10 -11.49 -2.89
N ILE A 110 -6.42 -11.63 -2.89
CA ILE A 110 -7.08 -12.81 -2.37
C ILE A 110 -7.34 -13.81 -3.47
N ILE A 111 -7.14 -15.08 -3.14
CA ILE A 111 -7.44 -16.18 -4.05
C ILE A 111 -8.65 -16.94 -3.53
N SER A 112 -9.67 -17.11 -4.38
CA SER A 112 -10.85 -17.90 -4.02
C SER A 112 -11.30 -18.69 -5.25
N GLU A 113 -11.57 -19.97 -5.07
CA GLU A 113 -11.98 -20.83 -6.19
C GLU A 113 -10.99 -20.79 -7.37
N GLY A 114 -9.71 -20.71 -7.06
CA GLY A 114 -8.65 -20.79 -8.06
C GLY A 114 -8.49 -19.52 -8.90
N ARG A 115 -9.09 -18.43 -8.45
CA ARG A 115 -9.02 -17.15 -9.17
C ARG A 115 -8.80 -15.99 -8.21
N LEU A 116 -8.30 -14.88 -8.72
CA LEU A 116 -8.16 -13.67 -7.93
C LEU A 116 -9.52 -13.10 -7.55
N VAL A 117 -9.67 -12.64 -6.33
CA VAL A 117 -10.89 -11.93 -5.93
C VAL A 117 -10.72 -10.47 -6.33
N LEU A 118 -11.37 -10.11 -7.44
CA LEU A 118 -11.22 -8.78 -8.05
C LEU A 118 -12.66 -8.30 -8.34
N GLY A 119 -12.91 -7.04 -8.06
CA GLY A 119 -14.16 -6.45 -8.46
C GLY A 119 -14.26 -6.40 -9.97
N THR A 120 -15.41 -5.96 -10.41
CA THR A 120 -15.75 -5.99 -11.82
C THR A 120 -14.69 -5.33 -12.69
N TRP A 121 -14.15 -4.21 -12.24
CA TRP A 121 -13.21 -3.45 -13.05
C TRP A 121 -11.79 -3.42 -12.53
N GLN A 122 -11.46 -4.27 -11.57
CA GLN A 122 -10.09 -4.32 -11.01
C GLN A 122 -9.14 -5.22 -11.81
N GLY A 123 -8.01 -4.65 -12.19
CA GLY A 123 -6.88 -5.41 -12.76
C GLY A 123 -5.63 -4.98 -12.03
N VAL A 124 -4.63 -5.85 -12.14
CA VAL A 124 -3.32 -5.66 -11.50
C VAL A 124 -2.37 -5.11 -12.54
N TYR A 125 -1.70 -4.02 -12.16
CA TYR A 125 -0.78 -3.32 -13.05
C TYR A 125 0.64 -3.26 -12.50
N PHE A 126 1.61 -3.56 -13.35
CA PHE A 126 3.01 -3.20 -13.15
C PHE A 126 3.19 -1.77 -13.61
N CYS A 127 3.59 -0.87 -12.71
CA CYS A 127 3.68 0.55 -13.00
C CYS A 127 5.14 0.94 -13.17
N GLU A 128 5.56 1.04 -14.43
CA GLU A 128 6.90 1.50 -14.75
C GLU A 128 6.93 3.01 -14.65
N PHE A 129 7.86 3.57 -13.91
CA PHE A 129 8.05 5.02 -13.77
C PHE A 129 9.44 5.50 -14.18
N ASP A 130 10.31 4.58 -14.62
CA ASP A 130 11.65 4.95 -15.05
C ASP A 130 12.10 4.13 -16.26
N GLY A 131 11.20 3.92 -17.20
CA GLY A 131 11.55 3.24 -18.42
C GLY A 131 12.17 4.13 -19.49
N PRO A 132 12.47 3.53 -20.64
CA PRO A 132 12.32 2.11 -20.98
C PRO A 132 13.42 1.29 -20.34
N ARG A 133 13.09 0.08 -19.89
CA ARG A 133 14.10 -0.80 -19.29
C ARG A 133 13.87 -2.21 -19.81
N THR A 134 14.97 -2.92 -20.00
CA THR A 134 14.93 -4.23 -20.60
C THR A 134 14.70 -5.37 -19.63
N ASN A 135 14.99 -5.18 -18.35
CA ASN A 135 14.94 -6.32 -17.40
C ASN A 135 14.16 -5.95 -16.14
N ARG A 136 12.86 -5.74 -16.29
CA ARG A 136 12.03 -5.44 -15.15
C ARG A 136 11.48 -6.76 -14.64
N LYS A 137 11.28 -6.86 -13.33
CA LYS A 137 10.87 -8.08 -12.69
C LYS A 137 9.78 -7.81 -11.66
N PHE A 138 8.83 -8.73 -11.59
CA PHE A 138 7.95 -8.81 -10.44
C PHE A 138 7.85 -10.28 -10.04
N VAL A 139 7.60 -10.48 -8.76
CA VAL A 139 7.46 -11.79 -8.16
C VAL A 139 6.04 -12.03 -7.68
N VAL A 140 5.54 -13.25 -7.90
CA VAL A 140 4.23 -13.67 -7.42
C VAL A 140 4.44 -14.83 -6.47
N LYS A 141 4.07 -14.63 -5.20
CA LYS A 141 4.19 -15.63 -4.15
C LYS A 141 2.79 -16.00 -3.73
N LEU A 142 2.43 -17.28 -3.79
CA LEU A 142 1.12 -17.69 -3.29
C LEU A 142 1.27 -18.32 -1.93
N LEU A 143 0.31 -18.03 -1.07
CA LEU A 143 0.12 -18.72 0.18
C LEU A 143 -1.21 -19.42 0.16
N THR A 144 -1.23 -20.66 0.65
CA THR A 144 -2.45 -21.43 0.60
C THR A 144 -3.08 -21.47 1.99
N ASP A 145 -4.40 -21.57 2.03
CA ASP A 145 -5.15 -21.63 3.30
C ASP A 145 -4.51 -22.63 4.27
N HIS B 10 -16.67 -21.40 3.56
CA HIS B 10 -16.36 -19.95 3.29
C HIS B 10 -14.88 -19.54 3.28
N HIS B 11 -13.98 -20.39 3.78
CA HIS B 11 -12.52 -20.21 3.71
C HIS B 11 -12.08 -18.90 4.37
N HIS B 12 -12.74 -18.60 5.46
CA HIS B 12 -12.66 -17.36 6.17
C HIS B 12 -12.67 -16.15 5.26
N MET B 13 -13.66 -16.04 4.37
CA MET B 13 -13.82 -14.88 3.53
C MET B 13 -15.25 -14.42 3.60
N LYS B 14 -15.44 -13.13 3.77
CA LYS B 14 -16.74 -12.49 3.83
C LYS B 14 -16.75 -11.17 3.09
N THR B 15 -17.82 -10.91 2.34
CA THR B 15 -18.09 -9.64 1.69
C THR B 15 -19.02 -8.77 2.54
N PHE B 16 -18.64 -7.52 2.71
CA PHE B 16 -19.38 -6.52 3.44
C PHE B 16 -19.89 -5.47 2.47
N HIS B 17 -21.04 -4.88 2.80
CA HIS B 17 -21.73 -3.91 1.95
C HIS B 17 -21.90 -2.58 2.71
N LEU B 18 -21.69 -1.49 2.00
CA LEU B 18 -21.83 -0.12 2.53
C LEU B 18 -22.59 0.74 1.52
N THR B 19 -23.36 1.70 2.03
CA THR B 19 -23.88 2.80 1.22
C THR B 19 -23.19 4.07 1.67
N THR B 20 -22.65 4.82 0.72
CA THR B 20 -21.97 6.06 1.02
C THR B 20 -22.87 7.26 0.68
N GLN B 21 -22.62 8.36 1.40
CA GLN B 21 -23.54 9.51 1.43
C GLN B 21 -23.03 10.78 0.76
N SER B 22 -21.75 10.82 0.40
CA SER B 22 -21.17 11.98 -0.26
C SER B 22 -20.07 11.50 -1.20
N ARG B 23 -19.55 12.40 -2.03
CA ARG B 23 -18.47 12.04 -2.94
C ARG B 23 -17.31 11.40 -2.20
N ASP B 24 -16.85 12.10 -1.16
CA ASP B 24 -15.74 11.67 -0.33
C ASP B 24 -16.23 11.30 1.05
N GLU B 25 -15.86 10.13 1.53
CA GLU B 25 -16.28 9.67 2.86
C GLU B 25 -15.31 8.63 3.34
N MET B 26 -14.89 8.74 4.60
CA MET B 26 -14.06 7.74 5.23
C MET B 26 -14.89 7.08 6.31
N VAL B 27 -15.20 5.81 6.10
CA VAL B 27 -16.08 5.04 6.96
C VAL B 27 -15.27 4.08 7.79
N ASP B 28 -15.38 4.19 9.10
CA ASP B 28 -14.63 3.31 9.99
C ASP B 28 -15.24 1.92 9.96
N ILE B 29 -14.49 0.95 9.44
CA ILE B 29 -14.93 -0.43 9.29
C ILE B 29 -14.23 -1.40 10.25
N THR B 30 -13.52 -0.85 11.23
CA THR B 30 -12.78 -1.70 12.18
C THR B 30 -13.66 -2.70 12.88
N SER B 31 -14.79 -2.23 13.40
CA SER B 31 -15.64 -3.10 14.21
C SER B 31 -16.23 -4.26 13.36
N GLN B 32 -16.61 -3.97 12.12
CA GLN B 32 -17.09 -5.01 11.20
C GLN B 32 -16.07 -6.11 10.97
N ILE B 33 -14.83 -5.71 10.71
CA ILE B 33 -13.73 -6.66 10.59
C ILE B 33 -13.55 -7.46 11.88
N GLU B 34 -13.48 -6.79 13.02
CA GLU B 34 -13.25 -7.46 14.31
C GLU B 34 -14.35 -8.45 14.67
N THR B 35 -15.58 -8.01 14.50
CA THR B 35 -16.74 -8.83 14.85
C THR B 35 -16.68 -10.10 14.05
N TRP B 36 -16.28 -9.99 12.81
CA TRP B 36 -16.23 -11.14 11.98
C TRP B 36 -15.03 -12.09 12.25
N ILE B 37 -13.88 -11.55 12.62
CA ILE B 37 -12.79 -12.38 13.13
C ILE B 37 -13.29 -13.18 14.33
N ARG B 38 -14.03 -12.53 15.23
CA ARG B 38 -14.53 -13.20 16.44
C ARG B 38 -15.46 -14.34 16.05
N GLU B 39 -16.29 -14.11 15.04
CA GLU B 39 -17.25 -15.13 14.61
C GLU B 39 -16.56 -16.38 14.06
N THR B 40 -15.47 -16.18 13.35
CA THR B 40 -14.76 -17.27 12.70
C THR B 40 -13.94 -18.07 13.70
N GLY B 41 -13.58 -17.42 14.81
CA GLY B 41 -12.72 -18.02 15.84
C GLY B 41 -11.23 -18.00 15.54
N VAL B 42 -10.82 -17.29 14.49
CA VAL B 42 -9.41 -17.15 14.16
C VAL B 42 -8.71 -16.36 15.27
N THR B 43 -7.60 -16.88 15.77
CA THR B 43 -6.88 -16.25 16.89
C THR B 43 -5.58 -15.56 16.45
N ASN B 44 -4.85 -16.18 15.51
CA ASN B 44 -3.58 -15.66 15.05
C ASN B 44 -3.45 -15.86 13.56
N GLY B 45 -2.98 -14.83 12.85
CA GLY B 45 -2.82 -14.86 11.41
C GLY B 45 -2.85 -13.48 10.84
N VAL B 46 -3.46 -13.34 9.66
CA VAL B 46 -3.60 -12.05 8.99
C VAL B 46 -5.00 -11.91 8.41
N ALA B 47 -5.43 -10.65 8.27
CA ALA B 47 -6.66 -10.28 7.61
C ALA B 47 -6.34 -9.39 6.45
N ILE B 48 -6.81 -9.78 5.27
CA ILE B 48 -6.69 -8.97 4.08
C ILE B 48 -8.02 -8.28 3.87
N VAL B 49 -8.03 -6.97 3.86
CA VAL B 49 -9.25 -6.15 3.74
C VAL B 49 -9.15 -5.43 2.40
N SER B 50 -10.03 -5.75 1.45
CA SER B 50 -9.86 -5.34 0.04
C SER B 50 -11.13 -4.74 -0.52
N SER B 51 -11.04 -3.49 -0.94
CA SER B 51 -12.09 -2.88 -1.69
C SER B 51 -12.27 -3.62 -3.01
N LEU B 52 -13.50 -3.75 -3.50
CA LEU B 52 -13.80 -4.33 -4.78
C LEU B 52 -13.92 -3.26 -5.89
N HIS B 53 -13.44 -2.05 -5.61
CA HIS B 53 -13.68 -0.89 -6.48
C HIS B 53 -12.40 -0.20 -6.82
N THR B 54 -12.41 0.46 -7.98
CA THR B 54 -11.27 1.21 -8.42
C THR B 54 -11.35 2.70 -8.07
N THR B 55 -12.43 3.08 -7.41
CA THR B 55 -12.71 4.44 -6.98
C THR B 55 -13.04 4.55 -5.48
N ALA B 56 -12.76 3.49 -4.74
CA ALA B 56 -12.83 3.50 -3.28
C ALA B 56 -11.71 2.59 -2.80
N GLY B 57 -10.98 3.04 -1.78
CA GLY B 57 -9.84 2.32 -1.24
C GLY B 57 -10.00 1.98 0.22
N ILE B 58 -8.93 1.46 0.80
CA ILE B 58 -8.85 1.08 2.23
C ILE B 58 -7.58 1.68 2.83
N THR B 59 -7.70 2.32 3.99
CA THR B 59 -6.53 2.86 4.68
C THR B 59 -6.67 2.67 6.18
N VAL B 60 -5.54 2.84 6.86
CA VAL B 60 -5.53 2.86 8.30
C VAL B 60 -5.12 4.26 8.73
N ASN B 61 -5.85 4.88 9.63
CA ASN B 61 -5.42 6.15 10.15
C ASN B 61 -6.19 6.46 11.42
N GLU B 62 -6.12 7.70 11.86
CA GLU B 62 -6.52 8.07 13.21
C GLU B 62 -7.99 7.84 13.42
N ASN B 63 -8.32 7.26 14.56
CA ASN B 63 -9.64 6.69 14.87
C ASN B 63 -10.52 7.51 15.82
N ALA B 64 -10.10 8.73 16.20
CA ALA B 64 -10.76 9.46 17.28
C ALA B 64 -11.25 10.87 16.92
N ASP B 65 -10.45 11.62 16.16
CA ASP B 65 -10.74 13.03 15.83
C ASP B 65 -11.27 13.09 14.42
N PRO B 66 -12.56 13.42 14.24
CA PRO B 66 -13.07 13.44 12.87
C PRO B 66 -12.38 14.47 12.00
N ASP B 67 -11.72 15.47 12.58
CA ASP B 67 -11.01 16.46 11.77
C ASP B 67 -9.80 15.86 11.05
N VAL B 68 -9.23 14.76 11.52
CA VAL B 68 -8.15 14.10 10.78
C VAL B 68 -8.65 13.62 9.44
N LYS B 69 -9.79 12.94 9.45
CA LYS B 69 -10.27 12.42 8.18
C LYS B 69 -10.81 13.55 7.29
N ARG B 70 -11.41 14.56 7.90
CA ARG B 70 -11.79 15.74 7.10
C ARG B 70 -10.58 16.34 6.39
N ASP B 71 -9.49 16.50 7.13
CA ASP B 71 -8.26 17.06 6.55
C ASP B 71 -7.63 16.14 5.51
N MET B 72 -7.68 14.83 5.72
CA MET B 72 -7.21 13.89 4.68
C MET B 72 -7.99 14.07 3.38
N ILE B 73 -9.30 14.16 3.47
CA ILE B 73 -10.15 14.34 2.30
C ILE B 73 -9.81 15.68 1.63
N MET B 74 -9.66 16.74 2.42
CA MET B 74 -9.35 18.04 1.88
C MET B 74 -7.99 18.05 1.16
N ARG B 75 -6.97 17.50 1.79
CA ARG B 75 -5.65 17.49 1.16
C ARG B 75 -5.66 16.69 -0.13
N LEU B 76 -6.26 15.51 -0.10
CA LEU B 76 -6.33 14.70 -1.33
C LEU B 76 -7.10 15.39 -2.43
N ASP B 77 -8.12 16.18 -2.08
CA ASP B 77 -8.85 16.94 -3.08
C ASP B 77 -7.93 18.01 -3.73
N GLU B 78 -6.98 18.55 -2.99
CA GLU B 78 -6.03 19.51 -3.57
C GLU B 78 -4.94 18.82 -4.39
N VAL B 79 -4.45 17.70 -3.92
CA VAL B 79 -3.41 16.96 -4.64
C VAL B 79 -3.97 16.45 -5.96
N TYR B 80 -5.20 15.95 -5.94
CA TYR B 80 -5.89 15.44 -7.13
C TYR B 80 -7.22 16.17 -7.32
N PRO B 81 -7.19 17.39 -7.89
CA PRO B 81 -8.44 18.11 -8.12
C PRO B 81 -9.37 17.32 -9.02
N TRP B 82 -10.68 17.50 -8.83
CA TRP B 82 -11.65 16.72 -9.57
C TRP B 82 -11.57 17.02 -11.07
N HIS B 83 -11.60 18.31 -11.40
CA HIS B 83 -11.48 18.73 -12.80
C HIS B 83 -10.02 18.92 -13.19
N HIS B 84 -9.66 18.38 -14.34
CA HIS B 84 -8.37 18.65 -14.96
C HIS B 84 -8.55 18.70 -16.46
N GLU B 85 -8.05 19.78 -17.05
CA GLU B 85 -8.14 19.97 -18.50
C GLU B 85 -7.49 18.89 -19.34
N ASN B 86 -6.48 18.19 -18.80
CA ASN B 86 -5.77 17.15 -19.55
C ASN B 86 -6.35 15.73 -19.35
N ASP B 87 -7.35 15.57 -18.47
CA ASP B 87 -7.95 14.25 -18.25
C ASP B 87 -8.65 13.78 -19.53
N ARG B 88 -8.52 12.50 -19.85
CA ARG B 88 -9.18 11.89 -21.01
C ARG B 88 -10.27 10.88 -20.63
N HIS B 89 -10.26 10.39 -19.40
CA HIS B 89 -11.23 9.38 -18.99
C HIS B 89 -12.63 9.95 -18.99
N MET B 90 -13.43 9.44 -19.93
CA MET B 90 -14.78 9.96 -20.23
C MET B 90 -15.69 10.04 -19.00
N GLU B 91 -15.56 9.09 -18.09
CA GLU B 91 -16.47 9.00 -16.96
C GLU B 91 -16.37 10.20 -15.99
N GLY B 92 -15.22 10.86 -15.97
CA GLY B 92 -15.05 12.10 -15.21
C GLY B 92 -14.54 11.95 -13.79
N ASN B 93 -14.26 10.72 -13.37
CA ASN B 93 -13.88 10.46 -11.99
C ASN B 93 -12.42 10.02 -11.84
N THR B 94 -11.57 10.53 -12.73
CA THR B 94 -10.13 10.29 -12.69
C THR B 94 -9.57 10.52 -11.28
N ALA B 95 -9.95 11.61 -10.62
CA ALA B 95 -9.37 11.91 -9.32
C ALA B 95 -9.63 10.78 -8.34
N ALA B 96 -10.79 10.15 -8.40
CA ALA B 96 -11.10 9.04 -7.49
C ALA B 96 -10.21 7.82 -7.77
N HIS B 97 -9.92 7.55 -9.03
CA HIS B 97 -8.97 6.48 -9.37
C HIS B 97 -7.58 6.77 -8.79
N LEU B 98 -7.11 8.02 -8.87
CA LEU B 98 -5.78 8.38 -8.32
C LEU B 98 -5.80 8.21 -6.82
N LYS B 99 -6.84 8.70 -6.17
CA LYS B 99 -6.90 8.62 -4.70
C LYS B 99 -6.90 7.18 -4.21
N THR B 100 -7.64 6.33 -4.93
CA THR B 100 -7.69 4.91 -4.61
C THR B 100 -6.32 4.27 -4.72
N SER B 101 -5.59 4.51 -5.78
CA SER B 101 -4.26 3.92 -5.90
C SER B 101 -3.29 4.50 -4.87
N THR B 102 -3.52 5.74 -4.45
CA THR B 102 -2.68 6.43 -3.49
C THR B 102 -2.83 5.88 -2.08
N VAL B 103 -4.04 5.71 -1.56
CA VAL B 103 -4.18 5.05 -0.27
C VAL B 103 -4.11 3.51 -0.35
N GLY B 104 -4.43 2.95 -1.49
CA GLY B 104 -4.43 1.52 -1.70
C GLY B 104 -5.84 0.95 -1.78
N HIS B 105 -6.01 -0.08 -2.59
CA HIS B 105 -7.30 -0.76 -2.62
C HIS B 105 -7.45 -1.75 -1.47
N ALA B 106 -6.36 -2.15 -0.85
CA ALA B 106 -6.37 -3.18 0.19
C ALA B 106 -5.34 -2.92 1.26
N GLN B 107 -5.61 -3.43 2.45
CA GLN B 107 -4.65 -3.40 3.55
C GLN B 107 -4.55 -4.78 4.19
N THR B 108 -3.35 -5.13 4.61
CA THR B 108 -3.08 -6.37 5.29
C THR B 108 -2.85 -6.09 6.77
N LEU B 109 -3.69 -6.68 7.60
CA LEU B 109 -3.67 -6.49 9.03
C LEU B 109 -3.26 -7.79 9.72
N ILE B 110 -2.57 -7.64 10.84
CA ILE B 110 -2.14 -8.80 11.61
C ILE B 110 -3.20 -9.12 12.67
N ILE B 111 -3.45 -10.42 12.88
CA ILE B 111 -4.35 -10.88 13.93
C ILE B 111 -3.50 -11.57 15.00
N SER B 112 -3.64 -11.11 16.23
CA SER B 112 -2.93 -11.71 17.36
C SER B 112 -3.90 -11.82 18.54
N GLU B 113 -3.99 -13.03 19.10
CA GLU B 113 -4.89 -13.32 20.21
C GLU B 113 -6.30 -12.82 19.95
N GLY B 114 -6.78 -13.00 18.72
CA GLY B 114 -8.14 -12.67 18.36
C GLY B 114 -8.40 -11.22 18.05
N ARG B 115 -7.37 -10.39 18.09
CA ARG B 115 -7.55 -8.95 17.86
C ARG B 115 -6.71 -8.46 16.68
N LEU B 116 -7.13 -7.36 16.08
CA LEU B 116 -6.30 -6.67 15.09
C LEU B 116 -5.13 -6.00 15.77
N VAL B 117 -3.93 -6.17 15.21
CA VAL B 117 -2.74 -5.54 15.76
C VAL B 117 -2.70 -4.10 15.23
N LEU B 118 -3.27 -3.21 16.02
CA LEU B 118 -3.39 -1.81 15.70
C LEU B 118 -2.98 -1.04 16.93
N GLY B 119 -2.29 0.05 16.74
CA GLY B 119 -2.00 0.97 17.82
C GLY B 119 -3.28 1.59 18.37
N THR B 120 -3.15 2.22 19.50
CA THR B 120 -4.30 2.81 20.19
C THR B 120 -5.20 3.71 19.36
N TRP B 121 -4.60 4.44 18.46
CA TRP B 121 -5.31 5.44 17.69
C TRP B 121 -5.52 5.04 16.22
N GLN B 122 -5.16 3.82 15.84
CA GLN B 122 -5.35 3.30 14.48
C GLN B 122 -6.70 2.65 14.29
N GLY B 123 -7.41 3.06 13.25
CA GLY B 123 -8.61 2.42 12.80
C GLY B 123 -8.53 2.17 11.31
N VAL B 124 -9.37 1.26 10.84
CA VAL B 124 -9.44 0.87 9.45
C VAL B 124 -10.61 1.59 8.80
N TYR B 125 -10.32 2.26 7.67
CA TYR B 125 -11.32 3.00 6.90
C TYR B 125 -11.55 2.53 5.48
N PHE B 126 -12.82 2.41 5.11
CA PHE B 126 -13.22 2.37 3.72
C PHE B 126 -13.24 3.81 3.22
N CYS B 127 -12.45 4.09 2.18
CA CYS B 127 -12.31 5.44 1.65
C CYS B 127 -13.07 5.59 0.33
N GLU B 128 -14.25 6.17 0.43
CA GLU B 128 -15.07 6.47 -0.73
C GLU B 128 -14.54 7.74 -1.39
N PHE B 129 -14.26 7.66 -2.69
CA PHE B 129 -13.81 8.83 -3.46
C PHE B 129 -14.72 9.16 -4.65
N ASP B 130 -15.77 8.38 -4.84
CA ASP B 130 -16.71 8.64 -5.96
C ASP B 130 -18.14 8.34 -5.57
N GLY B 131 -18.55 8.80 -4.39
CA GLY B 131 -19.89 8.60 -3.92
C GLY B 131 -20.80 9.75 -4.32
N PRO B 132 -22.06 9.71 -3.86
CA PRO B 132 -22.65 8.66 -3.05
C PRO B 132 -23.02 7.45 -3.89
N ARG B 133 -22.81 6.27 -3.34
CA ARG B 133 -23.18 5.02 -4.01
C ARG B 133 -23.79 4.02 -3.04
N THR B 134 -24.75 3.24 -3.53
CA THR B 134 -25.50 2.35 -2.66
C THR B 134 -24.94 0.94 -2.66
N ASN B 135 -24.05 0.64 -3.58
CA ASN B 135 -23.63 -0.71 -3.78
C ASN B 135 -22.19 -1.01 -3.40
N ARG B 136 -21.59 -0.32 -2.41
CA ARG B 136 -20.15 -0.48 -2.20
C ARG B 136 -19.84 -1.74 -1.38
N LYS B 137 -18.71 -2.34 -1.69
CA LYS B 137 -18.34 -3.60 -1.10
C LYS B 137 -16.85 -3.66 -0.81
N PHE B 138 -16.54 -4.33 0.30
CA PHE B 138 -15.18 -4.77 0.57
C PHE B 138 -15.22 -6.19 1.04
N VAL B 139 -14.10 -6.88 0.84
CA VAL B 139 -13.96 -8.27 1.27
C VAL B 139 -12.95 -8.38 2.36
N VAL B 140 -13.18 -9.27 3.31
CA VAL B 140 -12.18 -9.60 4.32
C VAL B 140 -11.89 -11.09 4.22
N LYS B 141 -10.60 -11.41 4.05
CA LYS B 141 -10.11 -12.76 3.96
C LYS B 141 -9.11 -12.98 5.09
N LEU B 142 -9.29 -14.05 5.87
CA LEU B 142 -8.39 -14.38 6.95
C LEU B 142 -7.49 -15.55 6.54
N LEU B 143 -6.24 -15.48 6.96
CA LEU B 143 -5.32 -16.61 6.89
C LEU B 143 -4.88 -16.89 8.29
N THR B 144 -4.87 -18.15 8.68
CA THR B 144 -4.53 -18.55 10.04
C THR B 144 -3.10 -19.07 10.03
N ASP B 145 -2.41 -18.91 11.16
CA ASP B 145 -1.02 -19.37 11.29
C ASP B 145 -0.85 -20.84 10.88
N HIS C 11 4.04 -17.22 17.73
CA HIS C 11 3.32 -16.92 16.45
C HIS C 11 4.13 -16.00 15.55
N HIS C 12 5.44 -16.00 15.78
CA HIS C 12 6.40 -15.23 15.00
C HIS C 12 5.97 -13.78 14.85
N MET C 13 5.63 -13.15 15.96
CA MET C 13 5.42 -11.72 15.94
C MET C 13 6.30 -11.05 16.98
N LYS C 14 6.94 -9.97 16.57
CA LYS C 14 7.85 -9.25 17.44
C LYS C 14 7.60 -7.76 17.30
N THR C 15 7.66 -7.05 18.43
CA THR C 15 7.61 -5.58 18.47
C THR C 15 9.01 -5.01 18.52
N PHE C 16 9.24 -3.94 17.76
CA PHE C 16 10.50 -3.21 17.77
C PHE C 16 10.27 -1.74 18.12
N HIS C 17 11.16 -1.15 18.91
CA HIS C 17 11.11 0.25 19.27
C HIS C 17 12.19 1.02 18.50
N LEU C 18 11.87 2.25 18.18
CA LEU C 18 12.80 3.20 17.55
C LEU C 18 12.66 4.54 18.20
N THR C 19 13.77 5.27 18.29
CA THR C 19 13.76 6.69 18.63
C THR C 19 14.12 7.47 17.38
N THR C 20 13.27 8.42 16.98
CA THR C 20 13.48 9.23 15.79
C THR C 20 14.04 10.61 16.17
N GLN C 21 14.74 11.21 15.22
CA GLN C 21 15.62 12.34 15.53
C GLN C 21 15.25 13.65 14.89
N SER C 22 14.25 13.63 14.02
CA SER C 22 13.76 14.84 13.38
C SER C 22 12.33 14.65 12.96
N ARG C 23 11.69 15.69 12.44
CA ARG C 23 10.30 15.60 12.05
C ARG C 23 10.10 14.48 11.05
N ASP C 24 10.98 14.45 10.05
CA ASP C 24 10.96 13.50 8.95
C ASP C 24 12.22 12.68 9.03
N GLU C 25 12.09 11.37 9.06
CA GLU C 25 13.25 10.50 9.08
C GLU C 25 12.84 9.18 8.45
N MET C 26 13.63 8.67 7.51
CA MET C 26 13.44 7.33 6.97
C MET C 26 14.54 6.44 7.52
N VAL C 27 14.16 5.50 8.37
CA VAL C 27 15.08 4.63 9.10
C VAL C 27 15.08 3.27 8.44
N ASP C 28 16.23 2.81 7.95
CA ASP C 28 16.33 1.47 7.34
C ASP C 28 16.26 0.39 8.42
N ILE C 29 15.17 -0.36 8.38
CA ILE C 29 14.88 -1.43 9.34
C ILE C 29 15.06 -2.83 8.75
N THR C 30 15.60 -2.89 7.53
CA THR C 30 15.81 -4.17 6.88
C THR C 30 16.58 -5.17 7.74
N SER C 31 17.73 -4.76 8.27
CA SER C 31 18.60 -5.68 8.97
C SER C 31 17.92 -6.22 10.23
N GLN C 32 17.13 -5.39 10.90
CA GLN C 32 16.40 -5.79 12.11
C GLN C 32 15.36 -6.85 11.80
N ILE C 33 14.65 -6.67 10.70
CA ILE C 33 13.65 -7.62 10.23
C ILE C 33 14.35 -8.95 9.91
N GLU C 34 15.45 -8.88 9.18
CA GLU C 34 16.15 -10.10 8.75
C GLU C 34 16.76 -10.87 9.91
N THR C 35 17.25 -10.14 10.91
CA THR C 35 17.76 -10.79 12.11
C THR C 35 16.66 -11.57 12.86
N TRP C 36 15.46 -11.00 12.98
CA TRP C 36 14.27 -11.69 13.56
C TRP C 36 14.00 -12.96 12.76
N ILE C 37 13.91 -12.85 11.45
CA ILE C 37 13.65 -14.00 10.60
C ILE C 37 14.68 -15.11 10.86
N ARG C 38 15.94 -14.73 10.85
CA ARG C 38 17.02 -15.69 11.11
C ARG C 38 16.87 -16.36 12.49
N GLU C 39 16.57 -15.58 13.53
CA GLU C 39 16.33 -16.13 14.86
C GLU C 39 15.15 -17.12 14.93
N THR C 40 14.07 -16.85 14.21
CA THR C 40 12.88 -17.72 14.28
C THR C 40 13.08 -18.99 13.46
N GLY C 41 14.06 -18.97 12.55
CA GLY C 41 14.28 -20.11 11.66
C GLY C 41 13.27 -20.24 10.54
N VAL C 42 12.42 -19.23 10.35
CA VAL C 42 11.44 -19.30 9.25
C VAL C 42 12.21 -19.23 7.94
N THR C 43 11.86 -20.10 7.00
CA THR C 43 12.58 -20.18 5.74
C THR C 43 11.76 -19.60 4.58
N ASN C 44 10.49 -19.94 4.49
CA ASN C 44 9.65 -19.50 3.39
C ASN C 44 8.32 -19.06 3.90
N GLY C 45 7.85 -17.94 3.38
CA GLY C 45 6.55 -17.41 3.74
C GLY C 45 6.49 -15.93 3.43
N VAL C 46 5.89 -15.19 4.35
CA VAL C 46 5.79 -13.74 4.20
C VAL C 46 5.99 -13.05 5.54
N ALA C 47 6.43 -11.79 5.45
CA ALA C 47 6.62 -10.94 6.61
C ALA C 47 5.75 -9.71 6.40
N ILE C 48 4.94 -9.42 7.40
CA ILE C 48 4.13 -8.23 7.44
C ILE C 48 4.77 -7.26 8.43
N VAL C 49 5.15 -6.08 7.96
CA VAL C 49 5.89 -5.09 8.75
C VAL C 49 4.91 -3.91 8.90
N SER C 50 4.52 -3.61 10.13
CA SER C 50 3.36 -2.75 10.38
C SER C 50 3.69 -1.71 11.44
N SER C 51 3.55 -0.46 11.09
CA SER C 51 3.63 0.63 12.01
C SER C 51 2.43 0.66 12.92
N LEU C 52 2.67 0.96 14.19
CA LEU C 52 1.54 1.10 15.16
C LEU C 52 0.99 2.54 15.23
N HIS C 53 1.44 3.39 14.31
CA HIS C 53 1.20 4.83 14.36
C HIS C 53 0.46 5.34 13.14
N THR C 54 -0.29 6.43 13.36
CA THR C 54 -1.05 7.10 12.31
C THR C 54 -0.25 8.21 11.67
N THR C 55 0.95 8.44 12.21
CA THR C 55 1.85 9.49 11.77
C THR C 55 3.25 9.02 11.40
N ALA C 56 3.43 7.69 11.32
CA ALA C 56 4.64 7.10 10.79
C ALA C 56 4.20 5.87 10.01
N GLY C 57 4.81 5.66 8.84
CA GLY C 57 4.48 4.57 7.95
C GLY C 57 5.65 3.67 7.64
N ILE C 58 5.43 2.77 6.70
CA ILE C 58 6.43 1.84 6.25
C ILE C 58 6.47 1.87 4.73
N THR C 59 7.68 1.92 4.16
CA THR C 59 7.86 1.86 2.71
C THR C 59 9.05 1.03 2.34
N VAL C 60 9.12 0.66 1.08
CA VAL C 60 10.30 0.00 0.51
C VAL C 60 10.84 0.92 -0.54
N ASN C 61 12.13 1.27 -0.43
CA ASN C 61 12.74 2.08 -1.48
C ASN C 61 14.23 2.00 -1.43
N GLU C 62 14.91 2.89 -2.15
CA GLU C 62 16.34 2.82 -2.40
C GLU C 62 17.11 2.85 -1.10
N ASN C 63 18.04 1.89 -0.97
CA ASN C 63 18.79 1.63 0.25
C ASN C 63 20.26 1.99 0.18
N ALA C 64 20.72 2.57 -0.94
CA ALA C 64 22.16 2.85 -1.14
C ALA C 64 22.51 4.34 -1.11
N ASP C 65 21.82 5.12 -1.92
CA ASP C 65 22.08 6.56 -2.02
C ASP C 65 21.22 7.33 -1.03
N PRO C 66 21.82 7.95 0.00
CA PRO C 66 20.98 8.72 0.94
C PRO C 66 20.22 9.88 0.30
N ASP C 67 20.65 10.34 -0.88
CA ASP C 67 19.94 11.42 -1.54
C ASP C 67 18.56 11.00 -2.02
N VAL C 68 18.32 9.71 -2.23
CA VAL C 68 16.95 9.28 -2.63
C VAL C 68 16.01 9.54 -1.50
N LYS C 69 16.32 9.06 -0.30
CA LYS C 69 15.38 9.28 0.79
C LYS C 69 15.30 10.75 1.17
N ARG C 70 16.41 11.51 1.06
CA ARG C 70 16.34 12.97 1.29
C ARG C 70 15.31 13.58 0.32
N ASP C 71 15.39 13.17 -0.95
CA ASP C 71 14.50 13.70 -1.97
C ASP C 71 13.07 13.23 -1.75
N MET C 72 12.89 12.01 -1.24
CA MET C 72 11.54 11.53 -0.98
C MET C 72 10.88 12.37 0.10
N ILE C 73 11.63 12.64 1.14
CA ILE C 73 11.16 13.48 2.24
C ILE C 73 10.85 14.89 1.72
N MET C 74 11.73 15.46 0.89
CA MET C 74 11.52 16.77 0.33
C MET C 74 10.27 16.85 -0.54
N ARG C 75 10.09 15.90 -1.45
CA ARG C 75 8.92 15.91 -2.33
C ARG C 75 7.64 15.75 -1.51
N LEU C 76 7.65 14.86 -0.52
CA LEU C 76 6.46 14.66 0.30
C LEU C 76 6.06 15.91 1.07
N ASP C 77 7.07 16.65 1.51
CA ASP C 77 6.85 17.91 2.21
C ASP C 77 6.25 18.99 1.30
N GLU C 78 6.49 18.91 -0.01
CA GLU C 78 5.82 19.81 -0.96
C GLU C 78 4.43 19.37 -1.32
N VAL C 79 4.25 18.08 -1.49
CA VAL C 79 2.93 17.55 -1.82
C VAL C 79 1.93 17.78 -0.66
N TYR C 80 2.42 17.59 0.56
CA TYR C 80 1.63 17.76 1.79
C TYR C 80 2.35 18.74 2.71
N PRO C 81 2.22 20.04 2.42
CA PRO C 81 2.87 21.05 3.24
C PRO C 81 2.39 20.95 4.66
N TRP C 82 3.27 21.29 5.58
CA TRP C 82 2.96 21.16 6.99
C TRP C 82 1.87 22.14 7.42
N HIS C 83 2.04 23.40 7.05
CA HIS C 83 1.12 24.47 7.45
C HIS C 83 0.17 24.72 6.32
N HIS C 84 -1.13 24.66 6.61
CA HIS C 84 -2.18 24.81 5.61
C HIS C 84 -3.37 25.53 6.24
N GLU C 85 -3.79 26.62 5.62
CA GLU C 85 -4.85 27.44 6.16
C GLU C 85 -6.20 26.72 6.30
N ASN C 86 -6.42 25.65 5.55
CA ASN C 86 -7.70 24.94 5.58
C ASN C 86 -7.72 23.75 6.53
N ASP C 87 -6.59 23.40 7.14
CA ASP C 87 -6.56 22.29 8.12
C ASP C 87 -7.43 22.62 9.33
N ARG C 88 -8.26 21.63 9.71
CA ARG C 88 -9.09 21.73 10.89
C ARG C 88 -8.52 20.93 12.07
N HIS C 89 -7.62 19.99 11.81
CA HIS C 89 -7.05 19.17 12.86
C HIS C 89 -6.04 20.02 13.65
N MET C 90 -6.45 20.40 14.84
CA MET C 90 -5.79 21.49 15.54
C MET C 90 -4.43 21.14 16.07
N GLU C 91 -4.16 19.86 16.27
CA GLU C 91 -2.84 19.41 16.70
C GLU C 91 -1.71 19.80 15.72
N GLY C 92 -2.06 19.96 14.45
CA GLY C 92 -1.12 20.58 13.51
C GLY C 92 -0.35 19.61 12.64
N ASN C 93 -0.56 18.31 12.82
CA ASN C 93 0.25 17.29 12.13
C ASN C 93 -0.55 16.53 11.04
N THR C 94 -1.56 17.19 10.50
CA THR C 94 -2.26 16.65 9.36
C THR C 94 -1.33 16.10 8.28
N ALA C 95 -0.29 16.84 7.90
CA ALA C 95 0.59 16.40 6.83
C ALA C 95 1.19 15.02 7.11
N ALA C 96 1.50 14.76 8.39
CA ALA C 96 2.03 13.44 8.78
C ALA C 96 1.00 12.32 8.55
N HIS C 97 -0.26 12.60 8.86
CA HIS C 97 -1.33 11.64 8.61
C HIS C 97 -1.44 11.33 7.12
N LEU C 98 -1.37 12.36 6.27
CA LEU C 98 -1.47 12.11 4.84
C LEU C 98 -0.29 11.32 4.34
N LYS C 99 0.93 11.67 4.77
CA LYS C 99 2.13 10.98 4.30
C LYS C 99 2.06 9.51 4.72
N THR C 100 1.57 9.25 5.92
CA THR C 100 1.45 7.86 6.42
C THR C 100 0.51 7.04 5.57
N SER C 101 -0.64 7.61 5.27
CA SER C 101 -1.57 6.87 4.42
C SER C 101 -1.07 6.74 3.01
N THR C 102 -0.25 7.67 2.53
CA THR C 102 0.25 7.66 1.19
C THR C 102 1.35 6.60 0.99
N VAL C 103 2.31 6.47 1.91
CA VAL C 103 3.28 5.38 1.80
C VAL C 103 2.70 4.06 2.30
N GLY C 104 1.75 4.14 3.23
CA GLY C 104 1.17 2.95 3.86
C GLY C 104 1.66 2.78 5.29
N HIS C 105 0.80 2.23 6.13
CA HIS C 105 1.22 1.91 7.51
C HIS C 105 1.92 0.57 7.58
N ALA C 106 1.79 -0.25 6.54
CA ALA C 106 2.36 -1.58 6.54
C ALA C 106 2.81 -2.02 5.18
N GLN C 107 3.77 -2.92 5.15
CA GLN C 107 4.24 -3.56 3.92
C GLN C 107 4.38 -5.05 4.09
N THR C 108 4.08 -5.79 3.01
CA THR C 108 4.16 -7.23 2.99
C THR C 108 5.34 -7.62 2.13
N LEU C 109 6.20 -8.44 2.71
CA LEU C 109 7.42 -8.88 2.08
C LEU C 109 7.39 -10.40 1.98
N ILE C 110 7.98 -10.92 0.91
CA ILE C 110 8.11 -12.37 0.70
C ILE C 110 9.40 -12.83 1.34
N ILE C 111 9.34 -13.97 1.99
CA ILE C 111 10.50 -14.62 2.57
C ILE C 111 10.79 -15.86 1.73
N SER C 112 12.03 -15.98 1.27
CA SER C 112 12.45 -17.16 0.49
C SER C 112 13.84 -17.55 0.98
N GLU C 113 14.01 -18.82 1.36
CA GLU C 113 15.31 -19.32 1.82
C GLU C 113 15.87 -18.47 2.96
N GLY C 114 15.00 -18.03 3.86
CA GLY C 114 15.40 -17.25 5.01
C GLY C 114 15.81 -15.81 4.73
N ARG C 115 15.56 -15.30 3.52
CA ARG C 115 15.91 -13.91 3.19
C ARG C 115 14.67 -13.20 2.69
N LEU C 116 14.62 -11.88 2.84
CA LEU C 116 13.56 -11.11 2.21
C LEU C 116 13.79 -11.06 0.71
N VAL C 117 12.72 -11.19 -0.07
CA VAL C 117 12.80 -11.07 -1.51
C VAL C 117 12.77 -9.59 -1.84
N LEU C 118 13.96 -9.05 -2.05
CA LEU C 118 14.19 -7.65 -2.31
C LEU C 118 15.18 -7.55 -3.43
N GLY C 119 14.91 -6.66 -4.37
CA GLY C 119 15.86 -6.32 -5.43
C GLY C 119 17.10 -5.67 -4.88
N THR C 120 18.10 -5.50 -5.73
CA THR C 120 19.37 -4.95 -5.30
C THR C 120 19.30 -3.66 -4.49
N TRP C 121 18.46 -2.74 -4.86
CA TRP C 121 18.56 -1.50 -4.10
C TRP C 121 17.36 -1.27 -3.19
N GLN C 122 16.63 -2.34 -2.90
CA GLN C 122 15.41 -2.24 -2.13
C GLN C 122 15.66 -2.49 -0.66
N GLY C 123 15.33 -1.51 0.16
CA GLY C 123 15.38 -1.69 1.61
C GLY C 123 14.04 -1.32 2.20
N VAL C 124 13.81 -1.77 3.42
CA VAL C 124 12.60 -1.46 4.14
C VAL C 124 12.84 -0.32 5.12
N TYR C 125 11.94 0.66 5.09
CA TYR C 125 12.04 1.85 5.89
C TYR C 125 10.86 2.08 6.83
N PHE C 126 11.16 2.44 8.06
CA PHE C 126 10.22 3.09 8.95
C PHE C 126 10.26 4.58 8.64
N CYS C 127 9.13 5.13 8.23
CA CYS C 127 9.00 6.51 7.80
C CYS C 127 8.35 7.36 8.85
N GLU C 128 9.18 8.05 9.59
CA GLU C 128 8.73 8.99 10.62
C GLU C 128 8.34 10.30 9.92
N PHE C 129 7.13 10.78 10.17
CA PHE C 129 6.62 12.02 9.63
C PHE C 129 6.20 12.99 10.74
N ASP C 130 6.40 12.62 11.99
CA ASP C 130 6.01 13.51 13.10
C ASP C 130 6.99 13.42 14.28
N GLY C 131 8.27 13.29 13.98
CA GLY C 131 9.29 13.20 15.01
C GLY C 131 9.75 14.58 15.48
N PRO C 132 10.79 14.61 16.33
CA PRO C 132 11.45 13.47 16.93
C PRO C 132 10.60 12.90 18.07
N ARG C 133 10.53 11.57 18.15
CA ARG C 133 9.83 10.89 19.23
C ARG C 133 10.58 9.65 19.71
N THR C 134 10.46 9.35 21.00
CA THR C 134 11.03 8.12 21.59
C THR C 134 9.98 6.98 21.54
N ASN C 135 10.42 5.73 21.49
CA ASN C 135 9.49 4.57 21.47
C ASN C 135 8.35 4.70 20.42
N ARG C 136 8.75 5.08 19.22
CA ARG C 136 8.01 4.71 18.04
C ARG C 136 8.15 3.20 17.91
N LYS C 137 7.12 2.57 17.35
CA LYS C 137 7.08 1.12 17.26
C LYS C 137 6.54 0.62 15.95
N PHE C 138 7.12 -0.51 15.57
CA PHE C 138 6.51 -1.31 14.54
C PHE C 138 6.54 -2.76 14.97
N VAL C 139 5.71 -3.56 14.31
CA VAL C 139 5.67 -4.99 14.53
C VAL C 139 6.01 -5.71 13.25
N VAL C 140 6.62 -6.89 13.41
CA VAL C 140 6.85 -7.78 12.30
C VAL C 140 6.15 -9.11 12.61
N LYS C 141 5.25 -9.50 11.72
CA LYS C 141 4.59 -10.78 11.77
C LYS C 141 5.07 -11.67 10.63
N LEU C 142 5.49 -12.89 10.96
CA LEU C 142 5.86 -13.87 9.92
C LEU C 142 4.78 -14.94 9.78
N LEU C 143 4.46 -15.25 8.54
CA LEU C 143 3.59 -16.38 8.19
C LEU C 143 4.42 -17.36 7.40
N THR C 144 4.44 -18.61 7.84
CA THR C 144 5.28 -19.61 7.19
C THR C 144 4.47 -20.40 6.19
N ASP C 145 5.14 -20.89 5.16
CA ASP C 145 4.58 -21.93 4.30
C ASP C 145 4.34 -23.15 5.18
NA NA D . 0.10 4.36 -1.27
C ACT E . 15.71 -0.62 -9.42
O ACT E . 15.07 0.14 -10.18
OXT ACT E . 15.71 -0.31 -8.18
CH3 ACT E . 16.35 -1.85 -9.96
C ACT F . -15.68 0.49 -9.43
O ACT F . -14.65 0.11 -10.09
OXT ACT F . -15.62 1.58 -8.82
CH3 ACT F . -16.88 -0.33 -9.18
C1 EDO G . 0.07 3.56 20.15
O1 EDO G . -0.58 2.39 20.66
C2 EDO G . 1.21 3.07 19.31
O2 EDO G . 2.04 2.20 20.11
C1 EDO H . 13.20 19.10 2.80
O1 EDO H . 13.00 17.87 3.49
C2 EDO H . 14.64 19.50 3.01
O2 EDO H . 14.87 19.82 4.38
N1 EPE I . -2.57 10.59 18.60
C2 EPE I . -1.90 11.89 18.70
C3 EPE I . -2.57 12.81 19.73
N4 EPE I . -3.96 13.01 19.39
C5 EPE I . -4.63 11.71 19.44
C6 EPE I . -4.02 10.76 18.41
C7 EPE I . -4.61 14.00 20.27
C8 EPE I . -4.36 15.46 19.85
O8 EPE I . -4.90 15.70 18.57
C9 EPE I . -2.04 9.79 17.46
C10 EPE I . -0.56 9.46 17.61
S EPE I . -0.06 7.83 17.01
O1S EPE I . 1.35 7.86 16.61
O2S EPE I . -1.04 7.38 16.00
O3S EPE I . -0.15 6.91 18.16
C1 EDO J . 7.18 15.55 18.55
O1 EDO J . 8.52 15.68 18.99
C2 EDO J . 6.48 16.89 18.65
O2 EDO J . 7.49 17.86 18.94
#